data_9HGO
#
_entry.id   9HGO
#
_cell.length_a   74.180
_cell.length_b   74.180
_cell.length_c   184.450
_cell.angle_alpha   90.00
_cell.angle_beta   90.00
_cell.angle_gamma   120.00
#
_symmetry.space_group_name_H-M   'P 31 2 1'
#
loop_
_entity.id
_entity.type
_entity.pdbx_description
1 polymer '2-methylisocitrate lyase'
2 non-polymer 1,2-ETHANEDIOL
3 non-polymer 'CHLORIDE ION'
4 water water
#
_entity_poly.entity_id   1
_entity_poly.type   'polypeptide(L)'
_entity_poly.pdbx_seq_one_letter_code
;MHHHHHHSSGVDLGTENLYFQSMSPGKLFRQAVANEHPLQIVGAINAYCALLAENVGFKAIYLSGGGVANTLGLPDLGIT
DLHDVLEDARRITAATHLPLLVDIDTGFGGAFTIARAIKEMERAQVAAVHMQDQVAQKRCGHRPGKELVNTNEMVDRIKA
AVDVKSNDFVLIARTDAYAVEGLKATIDRACTYVEAGADMIFAEALENINDYPTFCKAVKVPVLANMTEFGKTPLYTAAQ
LADHGVKMVLYPRSADRAMSKAALAVYEDIKKHGVQTASLPFMQTREALYEVLNYHAYEDKLNQLFKRKEDD
;
_entity_poly.pdbx_strand_id   A,B
#
loop_
_chem_comp.id
_chem_comp.type
_chem_comp.name
_chem_comp.formula
CL non-polymer 'CHLORIDE ION' 'Cl -1'
EDO non-polymer 1,2-ETHANEDIOL 'C2 H6 O2'
#
# COMPACT_ATOMS: atom_id res chain seq x y z
N GLY A 10 8.51 -25.62 1.22
CA GLY A 10 9.55 -24.91 0.40
C GLY A 10 10.65 -24.28 1.25
N VAL A 11 10.43 -24.25 2.57
CA VAL A 11 11.38 -23.73 3.55
C VAL A 11 12.14 -24.91 4.15
N ASP A 12 13.40 -24.67 4.54
CA ASP A 12 14.26 -25.74 5.05
C ASP A 12 14.61 -25.53 6.53
N LEU A 13 14.77 -26.65 7.24
CA LEU A 13 15.37 -26.68 8.56
C LEU A 13 16.61 -27.56 8.48
N GLY A 14 17.79 -26.93 8.53
CA GLY A 14 19.06 -27.61 8.29
C GLY A 14 19.21 -28.00 6.82
N THR A 15 19.06 -29.30 6.55
CA THR A 15 19.02 -29.80 5.18
C THR A 15 17.68 -30.50 4.92
N GLU A 16 16.79 -30.47 5.92
CA GLU A 16 15.51 -31.17 5.89
C GLU A 16 14.40 -30.22 5.44
N ASN A 17 13.85 -30.48 4.24
CA ASN A 17 12.76 -29.71 3.65
C ASN A 17 11.45 -30.07 4.35
N LEU A 18 10.91 -29.13 5.15
CA LEU A 18 9.67 -29.32 5.91
C LEU A 18 8.61 -28.32 5.43
N TYR A 19 7.32 -28.64 5.69
CA TYR A 19 6.22 -27.72 5.44
C TYR A 19 6.36 -26.43 6.25
N PHE A 20 6.26 -25.29 5.56
CA PHE A 20 6.05 -23.98 6.17
C PHE A 20 4.97 -23.23 5.40
N GLN A 21 3.96 -22.71 6.12
CA GLN A 21 2.89 -21.95 5.48
C GLN A 21 3.35 -20.50 5.27
N SER A 22 2.99 -19.93 4.11
CA SER A 22 3.29 -18.53 3.84
C SER A 22 2.41 -17.66 4.74
N MET A 23 3.06 -16.79 5.53
CA MET A 23 2.35 -16.14 6.61
C MET A 23 2.08 -14.68 6.28
N SER A 24 0.79 -14.34 6.31
CA SER A 24 0.27 -13.00 6.14
C SER A 24 0.48 -12.20 7.42
N PRO A 25 0.49 -10.84 7.34
CA PRO A 25 0.80 -10.01 8.51
C PRO A 25 -0.06 -10.42 9.71
N GLY A 26 -1.35 -10.70 9.47
CA GLY A 26 -2.29 -10.89 10.57
C GLY A 26 -2.05 -12.23 11.26
N LYS A 27 -1.55 -13.19 10.45
CA LYS A 27 -1.22 -14.52 10.93
C LYS A 27 0.06 -14.45 11.75
N LEU A 28 1.04 -13.66 11.26
CA LEU A 28 2.24 -13.43 12.05
C LEU A 28 1.87 -12.88 13.42
N PHE A 29 0.91 -11.96 13.44
CA PHE A 29 0.47 -11.38 14.70
C PHE A 29 -0.18 -12.42 15.60
N ARG A 30 -1.13 -13.20 15.05
CA ARG A 30 -1.81 -14.25 15.79
C ARG A 30 -0.76 -15.20 16.38
N GLN A 31 0.26 -15.48 15.59
CA GLN A 31 1.29 -16.43 15.93
CA GLN A 31 1.30 -16.44 15.92
C GLN A 31 2.17 -15.85 17.02
N ALA A 32 2.39 -14.53 17.00
CA ALA A 32 3.24 -13.87 17.99
C ALA A 32 2.54 -13.88 19.34
N VAL A 33 1.21 -13.70 19.32
CA VAL A 33 0.42 -13.84 20.53
C VAL A 33 0.57 -15.26 21.09
N ALA A 34 0.43 -16.29 20.25
CA ALA A 34 0.37 -17.67 20.74
C ALA A 34 1.69 -18.11 21.35
N ASN A 35 2.81 -17.61 20.81
CA ASN A 35 4.15 -18.08 21.06
C ASN A 35 4.83 -17.32 22.20
N GLU A 36 4.27 -16.16 22.56
CA GLU A 36 4.86 -15.36 23.62
C GLU A 36 3.96 -15.44 24.84
N HIS A 37 4.56 -15.13 25.98
CA HIS A 37 3.88 -15.23 27.25
C HIS A 37 4.40 -14.10 28.13
N PRO A 38 3.86 -12.86 28.02
CA PRO A 38 2.90 -12.50 26.99
C PRO A 38 3.63 -11.78 25.85
N LEU A 39 2.86 -11.40 24.82
CA LEU A 39 3.48 -10.61 23.77
C LEU A 39 3.55 -9.16 24.23
N GLN A 40 4.78 -8.66 24.26
CA GLN A 40 5.05 -7.24 24.43
C GLN A 40 5.06 -6.56 23.06
N ILE A 41 4.20 -5.54 22.93
CA ILE A 41 4.11 -4.73 21.76
C ILE A 41 4.52 -3.32 22.14
N VAL A 42 5.51 -2.77 21.46
CA VAL A 42 5.98 -1.43 21.76
C VAL A 42 5.55 -0.43 20.69
N GLY A 43 5.20 0.78 21.16
CA GLY A 43 5.04 1.96 20.33
C GLY A 43 6.30 2.32 19.55
N ALA A 44 6.13 2.72 18.29
CA ALA A 44 7.18 3.25 17.43
C ALA A 44 6.57 4.35 16.56
N ILE A 45 7.22 5.50 16.47
CA ILE A 45 6.52 6.61 15.85
C ILE A 45 6.86 6.68 14.37
N ASN A 46 7.93 5.99 13.94
CA ASN A 46 8.43 6.06 12.57
C ASN A 46 9.18 4.76 12.26
N ALA A 47 9.54 4.57 10.98
CA ALA A 47 10.24 3.38 10.54
C ALA A 47 11.53 3.14 11.33
N TYR A 48 12.30 4.19 11.61
CA TYR A 48 13.57 3.98 12.27
C TYR A 48 13.39 3.40 13.66
N CYS A 49 12.45 3.95 14.43
CA CYS A 49 12.05 3.39 15.71
C CYS A 49 11.57 1.96 15.58
N ALA A 50 10.86 1.62 14.48
CA ALA A 50 10.40 0.25 14.35
C ALA A 50 11.60 -0.69 14.25
N LEU A 51 12.62 -0.24 13.53
CA LEU A 51 13.84 -0.99 13.37
C LEU A 51 14.60 -1.17 14.70
N LEU A 52 14.67 -0.12 15.54
CA LEU A 52 15.31 -0.20 16.83
C LEU A 52 14.60 -1.26 17.65
N ALA A 53 13.27 -1.20 17.64
CA ALA A 53 12.47 -2.19 18.37
C ALA A 53 12.76 -3.62 17.88
N GLU A 54 12.84 -3.79 16.55
CA GLU A 54 13.04 -5.09 15.94
C GLU A 54 14.39 -5.66 16.39
N ASN A 55 15.38 -4.77 16.40
CA ASN A 55 16.77 -5.06 16.73
C ASN A 55 16.92 -5.48 18.19
N VAL A 56 16.18 -4.82 19.08
CA VAL A 56 16.14 -5.17 20.49
C VAL A 56 15.42 -6.52 20.65
N GLY A 57 14.60 -6.91 19.65
CA GLY A 57 14.07 -8.25 19.57
C GLY A 57 12.57 -8.34 19.90
N PHE A 58 11.87 -7.21 19.85
CA PHE A 58 10.42 -7.29 20.04
C PHE A 58 9.75 -7.98 18.87
N LYS A 59 8.64 -8.68 19.16
CA LYS A 59 7.97 -9.49 18.16
C LYS A 59 6.74 -8.79 17.57
N ALA A 60 6.33 -7.61 18.09
CA ALA A 60 5.28 -6.81 17.47
C ALA A 60 5.44 -5.34 17.84
N ILE A 61 4.99 -4.46 16.95
CA ILE A 61 5.15 -3.02 17.09
C ILE A 61 3.79 -2.36 16.99
N TYR A 62 3.74 -1.07 17.32
CA TYR A 62 2.47 -0.38 17.48
C TYR A 62 2.58 1.06 17.01
N LEU A 63 1.53 1.50 16.30
CA LEU A 63 1.36 2.88 15.85
C LEU A 63 0.19 3.50 16.62
N SER A 64 0.55 4.37 17.56
CA SER A 64 -0.36 5.04 18.47
C SER A 64 -1.05 6.19 17.71
N GLY A 65 -2.35 6.35 17.95
CA GLY A 65 -3.16 7.43 17.39
C GLY A 65 -2.73 8.77 17.95
N GLY A 66 -2.60 8.79 19.29
CA GLY A 66 -2.08 9.96 19.98
C GLY A 66 -0.71 10.32 19.46
N GLY A 67 0.12 9.30 19.22
CA GLY A 67 1.46 9.55 18.72
C GLY A 67 1.46 10.21 17.35
N VAL A 68 0.55 9.76 16.46
CA VAL A 68 0.48 10.29 15.11
C VAL A 68 0.12 11.77 15.24
N ALA A 69 -0.92 12.09 15.97
CA ALA A 69 -1.30 13.50 16.17
C ALA A 69 -0.17 14.34 16.77
N ASN A 70 0.32 13.96 17.97
CA ASN A 70 1.36 14.71 18.68
C ASN A 70 2.62 14.89 17.82
N THR A 71 2.97 13.86 17.06
CA THR A 71 4.10 13.96 16.15
C THR A 71 3.85 15.04 15.10
N LEU A 72 2.60 15.17 14.63
CA LEU A 72 2.23 16.25 13.70
C LEU A 72 2.20 17.63 14.39
N GLY A 73 2.37 17.67 15.72
CA GLY A 73 2.28 18.91 16.49
C GLY A 73 0.83 19.27 16.83
N LEU A 74 -0.01 18.24 16.86
CA LEU A 74 -1.43 18.33 17.15
C LEU A 74 -1.80 17.60 18.43
N PRO A 75 -2.76 18.12 19.21
CA PRO A 75 -3.35 17.39 20.32
C PRO A 75 -4.17 16.19 19.85
N ASP A 76 -4.27 15.20 20.73
CA ASP A 76 -5.02 13.98 20.50
C ASP A 76 -6.50 14.27 20.64
N LEU A 77 -7.06 15.09 19.74
CA LEU A 77 -8.45 15.49 19.90
C LEU A 77 -9.33 14.95 18.77
N GLY A 78 -8.82 13.97 18.01
CA GLY A 78 -9.49 13.40 16.83
C GLY A 78 -9.54 14.38 15.65
N ILE A 79 -8.48 15.18 15.47
CA ILE A 79 -8.35 16.10 14.36
C ILE A 79 -7.85 15.31 13.14
N THR A 80 -7.06 14.28 13.41
CA THR A 80 -6.46 13.45 12.36
C THR A 80 -7.49 12.50 11.77
N ASP A 81 -7.16 12.04 10.56
CA ASP A 81 -8.05 11.24 9.74
C ASP A 81 -7.34 9.94 9.34
N LEU A 82 -8.04 9.12 8.55
CA LEU A 82 -7.47 7.89 8.02
C LEU A 82 -6.14 8.11 7.31
N HIS A 83 -6.02 9.18 6.50
CA HIS A 83 -4.77 9.40 5.80
C HIS A 83 -3.60 9.67 6.76
N ASP A 84 -3.86 10.37 7.86
CA ASP A 84 -2.71 10.68 8.73
C ASP A 84 -2.12 9.38 9.28
N VAL A 85 -2.96 8.42 9.66
CA VAL A 85 -2.54 7.21 10.35
C VAL A 85 -1.96 6.29 9.30
N LEU A 86 -2.64 6.27 8.15
CA LEU A 86 -2.32 5.33 7.09
C LEU A 86 -0.93 5.62 6.56
N GLU A 87 -0.60 6.92 6.39
CA GLU A 87 0.70 7.26 5.84
C GLU A 87 1.80 6.84 6.82
N ASP A 88 1.61 7.08 8.12
CA ASP A 88 2.63 6.63 9.08
C ASP A 88 2.72 5.09 9.12
N ALA A 89 1.57 4.39 8.97
CA ALA A 89 1.59 2.93 8.98
C ALA A 89 2.43 2.40 7.83
N ARG A 90 2.20 2.99 6.64
CA ARG A 90 2.81 2.54 5.39
C ARG A 90 4.31 2.69 5.50
N ARG A 91 4.75 3.80 6.10
CA ARG A 91 6.17 4.09 6.22
C ARG A 91 6.84 2.98 7.04
N ILE A 92 6.16 2.50 8.10
CA ILE A 92 6.69 1.48 8.99
C ILE A 92 6.66 0.11 8.31
N THR A 93 5.54 -0.26 7.68
CA THR A 93 5.48 -1.58 7.07
C THR A 93 6.42 -1.69 5.87
N ALA A 94 6.79 -0.57 5.24
CA ALA A 94 7.79 -0.66 4.18
C ALA A 94 9.15 -1.08 4.74
N ALA A 95 9.46 -0.76 6.01
CA ALA A 95 10.80 -0.98 6.55
C ALA A 95 10.95 -2.34 7.25
N THR A 96 9.84 -2.94 7.71
CA THR A 96 9.88 -4.16 8.52
C THR A 96 8.62 -5.01 8.30
N HIS A 97 8.79 -6.34 8.38
CA HIS A 97 7.70 -7.33 8.34
C HIS A 97 7.20 -7.67 9.74
N LEU A 98 7.81 -7.08 10.79
CA LEU A 98 7.29 -7.33 12.12
C LEU A 98 5.81 -6.95 12.14
N PRO A 99 4.91 -7.79 12.68
CA PRO A 99 3.49 -7.48 12.67
C PRO A 99 3.22 -6.13 13.34
N LEU A 100 2.44 -5.27 12.67
CA LEU A 100 2.16 -3.93 13.19
C LEU A 100 0.70 -3.80 13.61
N LEU A 101 0.49 -3.28 14.83
CA LEU A 101 -0.83 -2.96 15.34
C LEU A 101 -1.06 -1.45 15.24
N VAL A 102 -2.22 -1.05 14.73
CA VAL A 102 -2.49 0.32 14.38
C VAL A 102 -3.79 0.76 15.03
N ASP A 103 -3.69 1.91 15.69
CA ASP A 103 -4.81 2.58 16.32
C ASP A 103 -5.59 3.34 15.23
N ILE A 104 -6.85 2.95 14.98
CA ILE A 104 -7.69 3.65 14.01
C ILE A 104 -8.83 4.39 14.71
N ASP A 105 -8.63 4.71 15.99
CA ASP A 105 -9.60 5.48 16.77
C ASP A 105 -11.00 4.86 16.73
N THR A 106 -12.03 5.63 16.30
CA THR A 106 -13.40 5.21 16.24
C THR A 106 -13.78 4.81 14.83
N GLY A 107 -12.79 4.76 13.93
CA GLY A 107 -12.96 4.33 12.57
C GLY A 107 -12.99 5.46 11.54
N PHE A 108 -12.98 6.73 12.01
CA PHE A 108 -12.91 7.95 11.21
C PHE A 108 -14.24 8.31 10.53
N GLY A 109 -15.29 7.52 10.72
CA GLY A 109 -16.61 7.86 10.19
C GLY A 109 -17.58 6.68 10.34
N GLY A 110 -18.63 6.69 9.51
CA GLY A 110 -19.62 5.62 9.51
C GLY A 110 -19.16 4.36 8.77
N ALA A 111 -20.12 3.49 8.40
CA ALA A 111 -19.82 2.11 8.00
C ALA A 111 -18.82 2.02 6.86
N PHE A 112 -19.01 2.84 5.82
CA PHE A 112 -18.08 2.73 4.70
C PHE A 112 -16.71 3.37 4.96
N THR A 113 -16.62 4.39 5.83
CA THR A 113 -15.30 4.89 6.22
C THR A 113 -14.54 3.77 6.94
N ILE A 114 -15.24 3.10 7.86
CA ILE A 114 -14.62 2.01 8.60
C ILE A 114 -14.17 0.94 7.62
N ALA A 115 -15.05 0.57 6.65
CA ALA A 115 -14.67 -0.41 5.64
C ALA A 115 -13.41 0.03 4.89
N ARG A 116 -13.42 1.26 4.40
CA ARG A 116 -12.24 1.79 3.71
C ARG A 116 -11.00 1.70 4.61
N ALA A 117 -11.12 2.02 5.91
CA ALA A 117 -9.97 1.95 6.82
C ALA A 117 -9.40 0.52 6.93
N ILE A 118 -10.28 -0.47 7.12
CA ILE A 118 -9.82 -1.86 7.17
C ILE A 118 -9.11 -2.25 5.88
N LYS A 119 -9.74 -1.98 4.73
CA LYS A 119 -9.14 -2.38 3.46
C LYS A 119 -7.81 -1.68 3.27
N GLU A 120 -7.75 -0.36 3.55
CA GLU A 120 -6.51 0.40 3.33
C GLU A 120 -5.39 -0.09 4.26
N MET A 121 -5.75 -0.44 5.50
CA MET A 121 -4.80 -1.00 6.46
C MET A 121 -4.28 -2.35 5.95
N GLU A 122 -5.19 -3.20 5.43
CA GLU A 122 -4.73 -4.47 4.88
C GLU A 122 -3.82 -4.24 3.68
N ARG A 123 -4.18 -3.30 2.78
CA ARG A 123 -3.34 -3.09 1.61
C ARG A 123 -1.98 -2.56 2.06
N ALA A 124 -1.92 -1.92 3.23
CA ALA A 124 -0.67 -1.40 3.74
C ALA A 124 0.17 -2.47 4.47
N GLN A 125 -0.30 -3.73 4.50
CA GLN A 125 0.44 -4.82 5.12
C GLN A 125 0.47 -4.70 6.66
N VAL A 126 -0.49 -3.99 7.23
CA VAL A 126 -0.71 -3.87 8.66
C VAL A 126 -1.29 -5.20 9.15
N ALA A 127 -0.98 -5.62 10.39
CA ALA A 127 -1.38 -6.92 10.90
C ALA A 127 -2.68 -6.87 11.71
N ALA A 128 -2.92 -5.74 12.37
CA ALA A 128 -4.03 -5.57 13.30
C ALA A 128 -4.31 -4.08 13.45
N VAL A 129 -5.54 -3.79 13.88
CA VAL A 129 -5.95 -2.46 14.26
C VAL A 129 -6.77 -2.61 15.54
N HIS A 130 -6.87 -1.50 16.27
CA HIS A 130 -7.85 -1.42 17.34
C HIS A 130 -8.75 -0.23 17.11
N MET A 131 -10.02 -0.41 17.48
CA MET A 131 -11.05 0.57 17.31
C MET A 131 -11.76 0.67 18.66
N GLN A 132 -12.14 1.90 19.00
CA GLN A 132 -12.55 2.29 20.33
CA GLN A 132 -12.57 2.20 20.36
C GLN A 132 -14.06 2.54 20.36
N ASP A 133 -14.66 2.39 21.54
CA ASP A 133 -16.08 2.62 21.74
C ASP A 133 -16.33 4.01 22.33
N GLN A 134 -15.51 4.99 21.96
CA GLN A 134 -15.74 6.38 22.26
C GLN A 134 -16.78 6.99 21.33
N VAL A 135 -17.38 8.10 21.76
CA VAL A 135 -18.27 8.90 20.92
C VAL A 135 -17.44 9.66 19.88
N ALA A 136 -17.97 9.73 18.66
CA ALA A 136 -17.23 10.28 17.53
C ALA A 136 -17.88 11.56 17.01
N GLN A 137 -17.02 12.46 16.51
CA GLN A 137 -17.41 13.67 15.79
C GLN A 137 -17.99 14.69 16.76
N LYS A 138 -19.22 14.43 17.22
CA LYS A 138 -19.94 15.32 18.13
C LYS A 138 -20.28 16.62 17.40
N ARG A 139 -20.74 17.62 18.15
CA ARG A 139 -21.09 18.91 17.56
C ARG A 139 -19.82 19.70 17.25
N CYS A 140 -19.95 20.74 16.43
CA CYS A 140 -18.81 21.50 15.96
C CYS A 140 -17.99 22.06 17.14
N GLY A 141 -18.66 22.77 18.06
CA GLY A 141 -17.98 23.40 19.18
C GLY A 141 -17.89 22.56 20.46
N HIS A 142 -17.86 21.21 20.36
CA HIS A 142 -17.84 20.37 21.55
C HIS A 142 -16.47 20.41 22.23
N ARG A 143 -16.48 20.39 23.57
CA ARG A 143 -15.26 20.48 24.36
C ARG A 143 -14.60 19.11 24.42
N PRO A 144 -13.25 19.02 24.59
CA PRO A 144 -12.57 17.73 24.62
C PRO A 144 -13.07 16.87 25.78
N GLY A 145 -12.96 15.54 25.67
CA GLY A 145 -13.41 14.68 26.75
C GLY A 145 -13.42 13.20 26.37
N LYS A 146 -14.17 12.41 27.15
CA LYS A 146 -14.26 10.97 26.99
C LYS A 146 -15.70 10.54 27.24
N GLU A 147 -16.40 10.17 26.17
CA GLU A 147 -17.72 9.57 26.29
C GLU A 147 -17.71 8.24 25.54
N LEU A 148 -18.41 7.26 26.10
CA LEU A 148 -18.62 5.98 25.45
C LEU A 148 -19.87 6.05 24.58
N VAL A 149 -19.87 5.32 23.47
CA VAL A 149 -21.09 5.08 22.71
C VAL A 149 -21.79 3.90 23.39
N ASN A 150 -23.09 3.74 23.11
CA ASN A 150 -23.83 2.53 23.47
C ASN A 150 -23.16 1.32 22.85
N THR A 151 -23.41 0.17 23.47
CA THR A 151 -22.87 -1.11 23.05
C THR A 151 -23.29 -1.41 21.62
N ASN A 152 -24.52 -0.99 21.25
CA ASN A 152 -25.08 -1.27 19.94
C ASN A 152 -24.38 -0.45 18.84
N GLU A 153 -23.96 0.77 19.18
CA GLU A 153 -23.26 1.63 18.23
C GLU A 153 -21.86 1.05 17.93
N MET A 154 -21.22 0.48 18.96
CA MET A 154 -19.92 -0.17 18.81
C MET A 154 -20.07 -1.51 18.09
N VAL A 155 -21.20 -2.20 18.34
CA VAL A 155 -21.47 -3.45 17.62
C VAL A 155 -21.49 -3.17 16.12
N ASP A 156 -22.11 -2.05 15.77
CA ASP A 156 -22.31 -1.72 14.36
C ASP A 156 -20.96 -1.44 13.72
N ARG A 157 -20.13 -0.70 14.47
CA ARG A 157 -18.76 -0.40 14.04
C ARG A 157 -17.97 -1.68 13.77
N ILE A 158 -18.12 -2.68 14.66
CA ILE A 158 -17.37 -3.93 14.56
C ILE A 158 -17.85 -4.70 13.32
N LYS A 159 -19.15 -4.67 13.08
CA LYS A 159 -19.75 -5.40 11.96
C LYS A 159 -19.27 -4.82 10.63
N ALA A 160 -19.23 -3.47 10.54
CA ALA A 160 -18.69 -2.77 9.37
C ALA A 160 -17.27 -3.26 9.12
N ALA A 161 -16.47 -3.39 10.19
CA ALA A 161 -15.10 -3.83 10.05
C ALA A 161 -15.02 -5.31 9.66
N VAL A 162 -15.75 -6.17 10.37
CA VAL A 162 -15.61 -7.61 10.18
C VAL A 162 -16.06 -7.96 8.76
N ASP A 163 -17.06 -7.22 8.28
CA ASP A 163 -17.67 -7.46 6.98
C ASP A 163 -16.66 -7.43 5.84
N VAL A 164 -15.57 -6.64 5.94
CA VAL A 164 -14.63 -6.55 4.83
C VAL A 164 -13.27 -7.13 5.22
N LYS A 165 -13.06 -7.54 6.48
CA LYS A 165 -11.71 -7.98 6.80
C LYS A 165 -11.45 -9.37 6.21
N SER A 166 -10.18 -9.65 5.88
CA SER A 166 -9.73 -11.02 5.65
C SER A 166 -9.70 -11.79 6.97
N ASN A 167 -9.56 -13.12 6.85
CA ASN A 167 -9.66 -14.03 7.99
C ASN A 167 -8.52 -13.75 8.97
N ASP A 168 -7.30 -13.73 8.44
CA ASP A 168 -6.06 -13.55 9.18
C ASP A 168 -6.00 -12.21 9.94
N PHE A 169 -6.57 -11.15 9.35
CA PHE A 169 -6.41 -9.80 9.86
C PHE A 169 -7.10 -9.68 11.22
N VAL A 170 -6.46 -8.95 12.16
CA VAL A 170 -6.93 -8.94 13.54
C VAL A 170 -7.67 -7.63 13.86
N LEU A 171 -8.96 -7.74 14.21
CA LEU A 171 -9.68 -6.61 14.77
C LEU A 171 -9.65 -6.71 16.29
N ILE A 172 -9.14 -5.66 16.94
CA ILE A 172 -9.12 -5.59 18.39
C ILE A 172 -10.10 -4.51 18.82
N ALA A 173 -11.15 -4.90 19.56
CA ALA A 173 -12.04 -3.85 20.05
C ALA A 173 -11.46 -3.31 21.36
N ARG A 174 -11.36 -1.98 21.43
CA ARG A 174 -10.85 -1.36 22.62
C ARG A 174 -12.06 -0.81 23.34
N THR A 175 -12.14 -1.01 24.66
CA THR A 175 -13.16 -0.35 25.45
C THR A 175 -12.52 0.51 26.53
N ASP A 176 -13.09 1.71 26.75
CA ASP A 176 -12.70 2.56 27.87
C ASP A 176 -13.79 2.57 28.93
N ALA A 177 -14.55 1.46 29.02
CA ALA A 177 -15.68 1.38 29.94
C ALA A 177 -15.24 1.35 31.39
N TYR A 178 -14.07 0.74 31.67
CA TYR A 178 -13.67 0.40 33.03
C TYR A 178 -13.63 1.61 33.96
N ALA A 179 -12.97 2.69 33.50
CA ALA A 179 -12.80 3.89 34.32
C ALA A 179 -14.13 4.57 34.59
N VAL A 180 -15.11 4.36 33.70
CA VAL A 180 -16.33 5.16 33.73
C VAL A 180 -17.52 4.33 34.22
N GLU A 181 -17.51 3.02 33.95
CA GLU A 181 -18.71 2.20 34.19
C GLU A 181 -18.40 1.02 35.12
N GLY A 182 -17.11 0.77 35.40
CA GLY A 182 -16.68 -0.27 36.33
C GLY A 182 -16.60 -1.65 35.69
N LEU A 183 -16.05 -2.61 36.43
CA LEU A 183 -15.61 -3.88 35.85
C LEU A 183 -16.76 -4.67 35.25
N LYS A 184 -17.95 -4.60 35.87
CA LYS A 184 -19.05 -5.47 35.46
C LYS A 184 -19.48 -5.07 34.05
N ALA A 185 -19.88 -3.81 33.88
CA ALA A 185 -20.35 -3.27 32.61
C ALA A 185 -19.29 -3.38 31.51
N THR A 186 -18.01 -3.30 31.91
CA THR A 186 -16.89 -3.48 30.98
C THR A 186 -16.86 -4.88 30.38
N ILE A 187 -17.01 -5.89 31.25
CA ILE A 187 -16.98 -7.29 30.83
C ILE A 187 -18.15 -7.54 29.89
N ASP A 188 -19.27 -6.84 30.14
CA ASP A 188 -20.49 -7.01 29.37
C ASP A 188 -20.26 -6.55 27.92
N ARG A 189 -19.77 -5.31 27.76
CA ARG A 189 -19.42 -4.79 26.44
C ARG A 189 -18.47 -5.73 25.73
N ALA A 190 -17.34 -6.02 26.37
CA ALA A 190 -16.30 -6.85 25.81
C ALA A 190 -16.89 -8.14 25.23
N CYS A 191 -17.80 -8.77 25.98
CA CYS A 191 -18.42 -10.03 25.55
C CYS A 191 -19.30 -9.82 24.32
N THR A 192 -20.08 -8.72 24.33
CA THR A 192 -20.89 -8.31 23.20
C THR A 192 -20.02 -8.04 21.97
N TYR A 193 -18.85 -7.40 22.17
CA TYR A 193 -17.92 -7.06 21.11
C TYR A 193 -17.34 -8.32 20.50
N VAL A 194 -17.00 -9.29 21.35
CA VAL A 194 -16.48 -10.54 20.83
C VAL A 194 -17.57 -11.21 19.98
N GLU A 195 -18.82 -11.13 20.43
CA GLU A 195 -19.86 -11.86 19.74
C GLU A 195 -20.11 -11.22 18.37
N ALA A 196 -19.94 -9.89 18.29
CA ALA A 196 -20.05 -9.13 17.06
C ALA A 196 -18.87 -9.37 16.10
N GLY A 197 -17.77 -9.94 16.62
CA GLY A 197 -16.75 -10.45 15.72
C GLY A 197 -15.34 -9.93 16.03
N ALA A 198 -15.19 -9.11 17.09
CA ALA A 198 -13.83 -8.75 17.52
C ALA A 198 -12.98 -10.01 17.72
N ASP A 199 -11.72 -9.97 17.28
CA ASP A 199 -10.85 -11.11 17.45
C ASP A 199 -10.24 -11.14 18.86
N MET A 200 -9.99 -9.94 19.41
CA MET A 200 -9.30 -9.75 20.68
C MET A 200 -9.83 -8.50 21.33
N ILE A 201 -9.33 -8.22 22.54
CA ILE A 201 -9.89 -7.16 23.37
C ILE A 201 -8.77 -6.36 24.00
N PHE A 202 -8.92 -5.04 23.96
CA PHE A 202 -7.99 -4.07 24.50
C PHE A 202 -8.71 -3.45 25.69
N ALA A 203 -8.26 -3.84 26.89
CA ALA A 203 -8.83 -3.41 28.15
C ALA A 203 -8.04 -2.20 28.58
N GLU A 204 -8.71 -1.04 28.58
CA GLU A 204 -8.00 0.19 28.89
C GLU A 204 -8.24 0.53 30.35
N ALA A 205 -7.14 0.79 31.07
CA ALA A 205 -7.18 1.36 32.41
C ALA A 205 -7.63 0.34 33.47
N LEU A 206 -7.26 -0.95 33.35
CA LEU A 206 -7.67 -1.96 34.31
C LEU A 206 -6.69 -1.97 35.47
N GLU A 207 -7.17 -1.60 36.67
CA GLU A 207 -6.35 -1.16 37.80
C GLU A 207 -5.77 -2.36 38.55
N ASN A 208 -6.64 -3.09 39.25
CA ASN A 208 -6.26 -4.17 40.14
C ASN A 208 -6.10 -5.46 39.34
N ILE A 209 -4.89 -6.02 39.42
CA ILE A 209 -4.45 -7.11 38.57
C ILE A 209 -5.29 -8.37 38.79
N ASN A 210 -5.85 -8.55 40.00
CA ASN A 210 -6.61 -9.76 40.30
C ASN A 210 -8.01 -9.69 39.70
N ASP A 211 -8.31 -8.57 39.02
CA ASP A 211 -9.53 -8.48 38.23
C ASP A 211 -9.29 -9.08 36.84
N TYR A 212 -8.02 -9.29 36.46
CA TYR A 212 -7.68 -9.79 35.14
C TYR A 212 -8.20 -11.21 34.90
N PRO A 213 -7.99 -12.19 35.81
CA PRO A 213 -8.36 -13.58 35.54
C PRO A 213 -9.85 -13.72 35.24
N THR A 214 -10.67 -12.99 35.98
CA THR A 214 -12.10 -12.92 35.77
C THR A 214 -12.42 -12.29 34.41
N PHE A 215 -11.78 -11.14 34.13
CA PHE A 215 -11.99 -10.44 32.88
C PHE A 215 -11.62 -11.38 31.72
N CYS A 216 -10.43 -11.97 31.80
CA CYS A 216 -9.91 -12.76 30.68
C CYS A 216 -10.76 -14.02 30.50
N LYS A 217 -11.18 -14.62 31.61
CA LYS A 217 -11.91 -15.88 31.53
C LYS A 217 -13.28 -15.64 30.89
N ALA A 218 -13.92 -14.52 31.26
CA ALA A 218 -15.21 -14.12 30.73
C ALA A 218 -15.14 -13.85 29.23
N VAL A 219 -14.11 -13.11 28.78
CA VAL A 219 -14.09 -12.66 27.40
C VAL A 219 -13.53 -13.72 26.45
N LYS A 220 -12.65 -14.60 26.96
CA LYS A 220 -12.20 -15.81 26.28
C LYS A 220 -11.10 -15.52 25.28
N VAL A 221 -11.28 -14.47 24.47
CA VAL A 221 -10.33 -14.13 23.43
C VAL A 221 -9.14 -13.47 24.08
N PRO A 222 -7.97 -13.40 23.40
CA PRO A 222 -6.77 -12.78 23.97
C PRO A 222 -7.06 -11.35 24.40
N VAL A 223 -6.49 -10.97 25.53
CA VAL A 223 -6.72 -9.65 26.10
C VAL A 223 -5.39 -8.91 26.13
N LEU A 224 -5.47 -7.59 25.85
CA LEU A 224 -4.33 -6.69 25.81
C LEU A 224 -4.50 -5.72 26.98
N ALA A 225 -3.42 -5.56 27.75
CA ALA A 225 -3.35 -4.59 28.83
C ALA A 225 -2.44 -3.46 28.36
N ASN A 226 -2.87 -2.23 28.58
CA ASN A 226 -2.22 -1.04 28.04
C ASN A 226 -1.38 -0.38 29.12
N MET A 227 -0.04 -0.48 29.03
CA MET A 227 0.87 0.09 30.03
C MET A 227 1.26 1.52 29.67
N THR A 228 0.41 2.48 30.08
CA THR A 228 0.68 3.88 29.83
C THR A 228 1.41 4.49 31.01
N GLU A 229 2.00 5.67 30.79
CA GLU A 229 2.67 6.42 31.84
C GLU A 229 1.84 7.67 32.10
N PHE A 230 2.02 8.24 33.31
CA PHE A 230 1.53 9.56 33.65
C PHE A 230 0.00 9.62 33.63
N GLY A 231 -0.64 8.43 33.63
CA GLY A 231 -2.09 8.35 33.69
C GLY A 231 -2.52 7.95 35.08
N LYS A 232 -3.63 7.18 35.17
CA LYS A 232 -4.17 6.79 36.45
C LYS A 232 -4.25 5.27 36.51
N THR A 233 -3.28 4.61 35.87
CA THR A 233 -3.22 3.16 35.83
C THR A 233 -1.85 2.70 36.29
N PRO A 234 -1.74 1.56 37.01
CA PRO A 234 -0.46 1.17 37.61
C PRO A 234 0.37 0.38 36.59
N LEU A 235 1.66 0.23 36.89
CA LEU A 235 2.58 -0.48 36.01
C LEU A 235 2.94 -1.83 36.63
N TYR A 236 2.49 -2.91 36.00
CA TYR A 236 2.91 -4.26 36.38
C TYR A 236 3.89 -4.78 35.33
N THR A 237 4.54 -5.91 35.64
CA THR A 237 5.48 -6.49 34.71
C THR A 237 4.75 -7.35 33.69
N ALA A 238 5.43 -7.69 32.60
CA ALA A 238 4.80 -8.53 31.59
C ALA A 238 4.46 -9.89 32.22
N ALA A 239 5.41 -10.46 32.99
CA ALA A 239 5.24 -11.76 33.65
C ALA A 239 4.01 -11.77 34.56
N GLN A 240 3.87 -10.73 35.40
CA GLN A 240 2.76 -10.64 36.32
C GLN A 240 1.45 -10.63 35.53
N LEU A 241 1.39 -9.82 34.47
CA LEU A 241 0.17 -9.65 33.70
C LEU A 241 -0.20 -10.97 33.01
N ALA A 242 0.81 -11.71 32.49
CA ALA A 242 0.58 -13.00 31.88
C ALA A 242 0.05 -14.04 32.88
N ASP A 243 0.66 -14.10 34.08
CA ASP A 243 0.22 -15.01 35.15
C ASP A 243 -1.23 -14.74 35.55
N HIS A 244 -1.75 -13.57 35.19
CA HIS A 244 -3.11 -13.19 35.54
C HIS A 244 -4.05 -13.32 34.33
N GLY A 245 -3.52 -13.89 33.23
CA GLY A 245 -4.30 -14.32 32.07
C GLY A 245 -4.20 -13.37 30.86
N VAL A 246 -3.31 -12.38 30.92
CA VAL A 246 -3.16 -11.37 29.85
C VAL A 246 -2.24 -11.93 28.75
N LYS A 247 -2.58 -11.70 27.46
CA LYS A 247 -1.83 -12.30 26.35
C LYS A 247 -1.00 -11.26 25.59
N MET A 248 -1.38 -9.98 25.62
CA MET A 248 -0.57 -8.90 25.05
C MET A 248 -0.37 -7.78 26.08
N VAL A 249 0.82 -7.20 26.05
CA VAL A 249 1.07 -6.01 26.85
C VAL A 249 1.60 -4.90 25.93
N LEU A 250 0.96 -3.74 25.97
CA LEU A 250 1.26 -2.67 25.03
C LEU A 250 2.01 -1.56 25.76
N TYR A 251 3.05 -1.01 25.11
CA TYR A 251 3.79 0.14 25.62
C TYR A 251 3.70 1.29 24.62
N PRO A 252 2.60 2.04 24.66
CA PRO A 252 2.19 2.88 23.52
C PRO A 252 3.02 4.12 23.19
N ARG A 253 3.53 4.80 24.22
CA ARG A 253 4.19 6.11 24.04
C ARG A 253 5.54 6.14 24.75
N SER A 254 5.95 4.99 25.31
CA SER A 254 7.08 5.00 26.25
C SER A 254 8.29 5.60 25.57
N ALA A 255 8.67 5.07 24.41
CA ALA A 255 9.87 5.50 23.71
C ALA A 255 9.81 6.94 23.23
N ASP A 256 8.64 7.40 22.77
CA ASP A 256 8.60 8.75 22.26
C ASP A 256 8.63 9.81 23.37
N ARG A 257 8.16 9.50 24.58
CA ARG A 257 8.36 10.43 25.70
C ARG A 257 9.85 10.62 26.01
N ALA A 258 10.64 9.56 25.86
CA ALA A 258 12.07 9.66 26.12
C ALA A 258 12.78 10.35 24.95
N MET A 259 12.29 10.14 23.71
CA MET A 259 12.90 10.81 22.56
C MET A 259 12.71 12.31 22.71
N SER A 260 11.51 12.72 23.13
CA SER A 260 11.19 14.14 23.29
C SER A 260 12.14 14.82 24.30
N LYS A 261 12.26 14.24 25.48
CA LYS A 261 13.10 14.82 26.54
C LYS A 261 14.54 14.89 26.02
N ALA A 262 14.98 13.82 25.34
CA ALA A 262 16.33 13.85 24.78
C ALA A 262 16.50 14.93 23.71
N ALA A 263 15.51 15.14 22.83
CA ALA A 263 15.70 16.18 21.81
C ALA A 263 15.69 17.54 22.48
N LEU A 264 14.77 17.75 23.43
CA LEU A 264 14.74 19.02 24.16
C LEU A 264 16.11 19.30 24.81
N ALA A 265 16.75 18.25 25.38
CA ALA A 265 18.01 18.42 26.09
C ALA A 265 19.11 18.88 25.13
N VAL A 266 19.09 18.32 23.92
CA VAL A 266 20.11 18.67 22.94
C VAL A 266 19.87 20.09 22.47
N TYR A 267 18.61 20.41 22.16
CA TYR A 267 18.34 21.79 21.75
C TYR A 267 18.84 22.78 22.82
N GLU A 268 18.55 22.54 24.10
CA GLU A 268 18.93 23.43 25.21
C GLU A 268 20.46 23.54 25.33
N ASP A 269 21.16 22.42 25.20
CA ASP A 269 22.63 22.41 25.20
C ASP A 269 23.19 23.29 24.09
N ILE A 270 22.69 23.11 22.86
CA ILE A 270 23.22 23.86 21.73
C ILE A 270 22.97 25.34 21.91
N LYS A 271 21.80 25.68 22.48
CA LYS A 271 21.40 27.05 22.76
C LYS A 271 22.35 27.62 23.80
N LYS A 272 22.50 26.89 24.92
CA LYS A 272 23.16 27.41 26.11
C LYS A 272 24.68 27.48 25.89
N HIS A 273 25.24 26.53 25.14
CA HIS A 273 26.69 26.42 25.02
C HIS A 273 27.20 26.80 23.63
N GLY A 274 26.32 27.07 22.67
CA GLY A 274 26.75 27.44 21.32
C GLY A 274 27.40 26.29 20.56
N VAL A 275 27.22 25.07 21.07
CA VAL A 275 27.82 23.86 20.51
C VAL A 275 27.28 22.65 21.26
N GLN A 276 27.39 21.45 20.67
CA GLN A 276 26.65 20.28 21.13
C GLN A 276 27.55 19.29 21.85
N THR A 277 28.81 19.67 22.09
CA THR A 277 29.83 18.84 22.75
C THR A 277 29.28 18.07 23.97
N ALA A 278 28.53 18.76 24.84
CA ALA A 278 28.06 18.10 26.06
C ALA A 278 27.02 17.02 25.75
N SER A 279 26.44 17.08 24.55
CA SER A 279 25.39 16.15 24.15
C SER A 279 25.98 14.89 23.53
N LEU A 280 27.22 14.95 23.02
CA LEU A 280 27.82 13.81 22.31
C LEU A 280 27.64 12.47 23.04
N PRO A 281 27.85 12.36 24.37
CA PRO A 281 27.67 11.09 25.07
C PRO A 281 26.25 10.54 25.01
N PHE A 282 25.25 11.40 24.75
CA PHE A 282 23.84 11.03 24.75
C PHE A 282 23.31 10.68 23.35
N MET A 283 24.20 10.57 22.39
CA MET A 283 23.82 10.40 20.99
C MET A 283 24.19 8.99 20.54
N GLN A 284 23.32 8.40 19.73
CA GLN A 284 23.62 7.15 19.07
C GLN A 284 24.84 7.38 18.16
N THR A 285 25.77 6.41 18.16
CA THR A 285 26.97 6.49 17.33
C THR A 285 26.60 6.24 15.87
N ARG A 286 27.39 6.81 14.96
CA ARG A 286 27.21 6.64 13.54
C ARG A 286 27.17 5.14 13.20
N GLU A 287 27.95 4.36 13.94
CA GLU A 287 28.15 2.97 13.61
C GLU A 287 26.92 2.16 14.00
N ALA A 288 26.29 2.52 15.14
CA ALA A 288 25.05 1.88 15.52
C ALA A 288 23.98 2.22 14.47
N LEU A 289 24.02 3.45 13.95
CA LEU A 289 23.05 3.91 12.97
C LEU A 289 23.21 3.07 11.70
N TYR A 290 24.44 3.01 11.16
CA TYR A 290 24.71 2.25 9.95
C TYR A 290 24.25 0.81 10.14
N GLU A 291 24.39 0.31 11.36
CA GLU A 291 24.05 -1.06 11.63
C GLU A 291 22.54 -1.27 11.63
N VAL A 292 21.79 -0.35 12.27
CA VAL A 292 20.37 -0.55 12.39
C VAL A 292 19.74 -0.41 11.00
N LEU A 293 20.33 0.45 10.17
CA LEU A 293 19.89 0.68 8.80
C LEU A 293 20.30 -0.50 7.93
N ASN A 294 21.16 -1.37 8.45
CA ASN A 294 21.68 -2.53 7.75
C ASN A 294 22.38 -2.10 6.47
N TYR A 295 23.18 -1.03 6.60
CA TYR A 295 23.81 -0.35 5.48
C TYR A 295 24.74 -1.28 4.68
N HIS A 296 25.34 -2.28 5.35
CA HIS A 296 26.33 -3.14 4.72
C HIS A 296 25.67 -4.01 3.65
N ALA A 297 24.43 -4.43 3.92
CA ALA A 297 23.63 -5.24 3.02
C ALA A 297 23.39 -4.50 1.70
N TYR A 298 23.45 -3.17 1.74
CA TYR A 298 23.31 -2.37 0.53
C TYR A 298 24.57 -2.49 -0.32
N GLU A 299 25.75 -2.35 0.30
CA GLU A 299 27.01 -2.48 -0.42
C GLU A 299 27.18 -3.90 -0.95
N ASP A 300 26.80 -4.88 -0.14
CA ASP A 300 26.88 -6.30 -0.44
C ASP A 300 25.93 -6.65 -1.58
N LYS A 301 24.75 -6.02 -1.62
CA LYS A 301 23.80 -6.29 -2.69
C LYS A 301 24.37 -5.77 -4.00
N LEU A 302 25.03 -4.61 -3.96
CA LEU A 302 25.58 -4.05 -5.19
C LEU A 302 26.75 -4.93 -5.69
N ASN A 303 27.49 -5.55 -4.76
CA ASN A 303 28.61 -6.38 -5.15
C ASN A 303 28.11 -7.72 -5.69
N GLN A 304 27.03 -8.23 -5.09
CA GLN A 304 26.38 -9.45 -5.54
C GLN A 304 25.91 -9.29 -6.98
N LEU A 305 25.35 -8.14 -7.34
CA LEU A 305 24.62 -8.08 -8.59
C LEU A 305 25.40 -7.41 -9.72
N PHE A 306 26.33 -6.50 -9.40
CA PHE A 306 26.87 -5.63 -10.43
C PHE A 306 28.39 -5.71 -10.54
N LYS A 307 29.01 -4.56 -10.86
CA LYS A 307 30.40 -4.43 -11.28
C LYS A 307 31.24 -5.60 -10.76
N SER B 22 -6.20 -18.89 -3.75
CA SER B 22 -6.16 -17.41 -3.80
C SER B 22 -5.15 -16.97 -4.86
N MET B 23 -5.61 -16.15 -5.80
CA MET B 23 -4.76 -15.69 -6.89
C MET B 23 -4.22 -14.28 -6.61
N SER B 24 -2.89 -14.16 -6.71
CA SER B 24 -2.19 -12.91 -6.56
C SER B 24 -2.32 -12.06 -7.84
N PRO B 25 -2.19 -10.72 -7.73
CA PRO B 25 -2.43 -9.82 -8.86
C PRO B 25 -1.66 -10.28 -10.08
N GLY B 26 -0.39 -10.69 -9.86
CA GLY B 26 0.58 -10.96 -10.90
C GLY B 26 0.17 -12.22 -11.65
N LYS B 27 -0.41 -13.14 -10.89
CA LYS B 27 -0.85 -14.42 -11.38
C LYS B 27 -2.11 -14.24 -12.22
N LEU B 28 -3.03 -13.39 -11.74
CA LEU B 28 -4.21 -13.06 -12.53
C LEU B 28 -3.78 -12.52 -13.90
N PHE B 29 -2.77 -11.65 -13.87
CA PHE B 29 -2.27 -11.10 -15.12
C PHE B 29 -1.65 -12.19 -16.00
N ARG B 30 -0.77 -13.03 -15.44
CA ARG B 30 -0.09 -14.10 -16.18
C ARG B 30 -1.16 -14.96 -16.85
N GLN B 31 -2.24 -15.20 -16.10
CA GLN B 31 -3.34 -16.06 -16.51
C GLN B 31 -4.11 -15.39 -17.62
N ALA B 32 -4.26 -14.06 -17.57
CA ALA B 32 -5.02 -13.35 -18.57
C ALA B 32 -4.24 -13.34 -19.89
N VAL B 33 -2.91 -13.28 -19.81
CA VAL B 33 -2.09 -13.38 -21.01
C VAL B 33 -2.32 -14.74 -21.66
N ALA B 34 -2.25 -15.81 -20.87
CA ALA B 34 -2.23 -17.15 -21.42
C ALA B 34 -3.58 -17.50 -22.07
N ASN B 35 -4.67 -16.98 -21.50
CA ASN B 35 -6.03 -17.40 -21.78
C ASN B 35 -6.71 -16.48 -22.78
N GLU B 36 -6.09 -15.37 -23.16
CA GLU B 36 -6.68 -14.50 -24.15
C GLU B 36 -5.81 -14.57 -25.39
N HIS B 37 -6.40 -14.23 -26.54
CA HIS B 37 -5.71 -14.32 -27.82
C HIS B 37 -6.21 -13.17 -28.70
N PRO B 38 -5.63 -11.94 -28.59
CA PRO B 38 -4.65 -11.64 -27.55
C PRO B 38 -5.31 -10.93 -26.36
N LEU B 39 -4.49 -10.65 -25.34
CA LEU B 39 -4.98 -9.87 -24.22
C LEU B 39 -4.99 -8.40 -24.62
N GLN B 40 -6.19 -7.80 -24.60
CA GLN B 40 -6.34 -6.37 -24.81
C GLN B 40 -6.26 -5.67 -23.45
N ILE B 41 -5.29 -4.76 -23.31
CA ILE B 41 -5.12 -3.98 -22.10
C ILE B 41 -5.38 -2.52 -22.43
N VAL B 42 -6.39 -1.94 -21.77
CA VAL B 42 -6.72 -0.56 -22.02
C VAL B 42 -6.21 0.37 -20.91
N GLY B 43 -5.73 1.54 -21.35
CA GLY B 43 -5.44 2.67 -20.48
C GLY B 43 -6.67 3.14 -19.73
N ALA B 44 -6.44 3.52 -18.46
CA ALA B 44 -7.43 4.19 -17.63
C ALA B 44 -6.68 5.21 -16.77
N ILE B 45 -7.20 6.43 -16.68
CA ILE B 45 -6.40 7.46 -16.03
C ILE B 45 -6.74 7.56 -14.53
N ASN B 46 -7.89 7.01 -14.12
CA ASN B 46 -8.37 7.09 -12.75
C ASN B 46 -9.26 5.86 -12.48
N ALA B 47 -9.64 5.68 -11.21
CA ALA B 47 -10.48 4.57 -10.77
C ALA B 47 -11.79 4.51 -11.58
N TYR B 48 -12.43 5.65 -11.85
CA TYR B 48 -13.70 5.62 -12.52
C TYR B 48 -13.59 5.02 -13.92
N CYS B 49 -12.57 5.44 -14.66
CA CYS B 49 -12.27 4.87 -15.95
C CYS B 49 -11.95 3.39 -15.82
N ALA B 50 -11.27 2.96 -14.73
CA ALA B 50 -10.91 1.56 -14.61
C ALA B 50 -12.19 0.74 -14.48
N LEU B 51 -13.18 1.30 -13.80
CA LEU B 51 -14.46 0.65 -13.61
C LEU B 51 -15.24 0.57 -14.92
N LEU B 52 -15.22 1.64 -15.74
CA LEU B 52 -15.90 1.63 -17.02
C LEU B 52 -15.29 0.52 -17.87
N ALA B 53 -13.96 0.46 -17.87
CA ALA B 53 -13.27 -0.57 -18.62
C ALA B 53 -13.66 -1.98 -18.18
N GLU B 54 -13.76 -2.17 -16.86
CA GLU B 54 -14.08 -3.46 -16.28
C GLU B 54 -15.49 -3.87 -16.72
N ASN B 55 -16.40 -2.89 -16.71
CA ASN B 55 -17.81 -3.05 -17.00
C ASN B 55 -18.02 -3.41 -18.47
N VAL B 56 -17.21 -2.82 -19.36
CA VAL B 56 -17.20 -3.18 -20.78
C VAL B 56 -16.64 -4.59 -20.94
N GLY B 57 -15.82 -5.05 -19.98
CA GLY B 57 -15.42 -6.44 -19.91
C GLY B 57 -13.96 -6.69 -20.28
N PHE B 58 -13.12 -5.66 -20.16
CA PHE B 58 -11.70 -5.92 -20.37
C PHE B 58 -11.15 -6.73 -19.20
N LYS B 59 -10.12 -7.54 -19.48
CA LYS B 59 -9.55 -8.44 -18.49
C LYS B 59 -8.28 -7.85 -17.84
N ALA B 60 -7.75 -6.73 -18.36
CA ALA B 60 -6.59 -6.08 -17.77
C ALA B 60 -6.58 -4.59 -18.13
N ILE B 61 -6.05 -3.77 -17.22
CA ILE B 61 -6.07 -2.32 -17.35
C ILE B 61 -4.63 -1.81 -17.26
N TYR B 62 -4.46 -0.53 -17.57
CA TYR B 62 -3.13 0.02 -17.72
C TYR B 62 -3.09 1.47 -17.22
N LEU B 63 -2.00 1.78 -16.51
CA LEU B 63 -1.68 3.14 -16.06
C LEU B 63 -0.45 3.65 -16.79
N SER B 64 -0.72 4.55 -17.74
CA SER B 64 0.27 5.17 -18.60
C SER B 64 1.07 6.22 -17.80
N GLY B 65 2.40 6.23 -17.99
CA GLY B 65 3.29 7.21 -17.40
C GLY B 65 3.06 8.59 -18.01
N GLY B 66 2.95 8.64 -19.34
CA GLY B 66 2.58 9.86 -20.02
C GLY B 66 1.24 10.37 -19.55
N GLY B 67 0.30 9.44 -19.33
CA GLY B 67 -0.99 9.89 -18.82
C GLY B 67 -0.90 10.52 -17.42
N VAL B 68 -0.09 9.93 -16.54
CA VAL B 68 0.09 10.45 -15.19
C VAL B 68 0.63 11.90 -15.31
N ALA B 69 1.66 12.11 -16.14
CA ALA B 69 2.21 13.46 -16.28
C ALA B 69 1.17 14.45 -16.82
N ASN B 70 0.61 14.13 -18.01
CA ASN B 70 -0.34 14.97 -18.69
C ASN B 70 -1.56 15.27 -17.83
N THR B 71 -2.04 14.25 -17.08
CA THR B 71 -3.15 14.45 -16.18
C THR B 71 -2.83 15.50 -15.12
N LEU B 72 -1.58 15.55 -14.67
CA LEU B 72 -1.07 16.56 -13.72
C LEU B 72 -0.81 17.91 -14.39
N GLY B 73 -0.96 17.97 -15.72
CA GLY B 73 -0.81 19.20 -16.47
C GLY B 73 0.65 19.42 -16.90
N LEU B 74 1.42 18.32 -16.88
CA LEU B 74 2.85 18.30 -17.19
C LEU B 74 3.12 17.52 -18.48
N PRO B 75 4.13 17.92 -19.27
CA PRO B 75 4.62 17.11 -20.39
C PRO B 75 5.32 15.84 -19.92
N ASP B 76 5.29 14.82 -20.78
CA ASP B 76 5.91 13.53 -20.52
C ASP B 76 7.43 13.65 -20.67
N LEU B 77 8.07 14.38 -19.76
CA LEU B 77 9.50 14.62 -19.89
C LEU B 77 10.28 13.99 -18.73
N GLY B 78 9.63 13.06 -18.00
CA GLY B 78 10.22 12.40 -16.83
C GLY B 78 10.35 13.35 -15.64
N ILE B 79 9.37 14.23 -15.44
CA ILE B 79 9.36 15.17 -14.33
C ILE B 79 8.77 14.47 -13.11
N THR B 80 7.84 13.55 -13.37
CA THR B 80 7.15 12.75 -12.38
C THR B 80 8.08 11.70 -11.79
N ASP B 81 7.74 11.27 -10.58
CA ASP B 81 8.57 10.36 -9.79
C ASP B 81 7.71 9.14 -9.43
N LEU B 82 8.31 8.22 -8.67
CA LEU B 82 7.60 7.05 -8.19
C LEU B 82 6.31 7.43 -7.46
N HIS B 83 6.33 8.48 -6.62
CA HIS B 83 5.11 8.80 -5.88
C HIS B 83 3.96 9.21 -6.81
N ASP B 84 4.25 9.93 -7.88
CA ASP B 84 3.16 10.36 -8.75
C ASP B 84 2.45 9.16 -9.35
N VAL B 85 3.19 8.13 -9.82
CA VAL B 85 2.57 7.01 -10.50
C VAL B 85 1.94 6.13 -9.45
N LEU B 86 2.61 6.01 -8.31
CA LEU B 86 2.20 5.11 -7.25
C LEU B 86 0.83 5.54 -6.73
N GLU B 87 0.66 6.86 -6.52
CA GLU B 87 -0.61 7.37 -6.00
CA GLU B 87 -0.59 7.44 -6.04
C GLU B 87 -1.75 7.07 -6.98
N ASP B 88 -1.52 7.28 -8.27
CA ASP B 88 -2.56 6.97 -9.23
C ASP B 88 -2.84 5.47 -9.27
N ALA B 89 -1.78 4.64 -9.16
CA ALA B 89 -1.95 3.18 -9.19
C ALA B 89 -2.84 2.72 -8.02
N ARG B 90 -2.60 3.29 -6.84
CA ARG B 90 -3.20 2.86 -5.59
C ARG B 90 -4.69 3.17 -5.69
N ARG B 91 -5.01 4.32 -6.28
CA ARG B 91 -6.38 4.75 -6.36
C ARG B 91 -7.16 3.76 -7.23
N ILE B 92 -6.53 3.24 -8.30
CA ILE B 92 -7.19 2.32 -9.22
C ILE B 92 -7.27 0.94 -8.57
N THR B 93 -6.17 0.41 -8.01
CA THR B 93 -6.28 -0.90 -7.36
C THR B 93 -7.22 -0.88 -6.15
N ALA B 94 -7.49 0.27 -5.53
CA ALA B 94 -8.45 0.28 -4.44
C ALA B 94 -9.86 -0.01 -4.96
N ALA B 95 -10.13 0.31 -6.25
CA ALA B 95 -11.50 0.25 -6.77
C ALA B 95 -11.79 -1.06 -7.51
N THR B 96 -10.73 -1.73 -8.02
CA THR B 96 -10.86 -2.90 -8.85
C THR B 96 -9.70 -3.87 -8.64
N HIS B 97 -10.01 -5.17 -8.72
CA HIS B 97 -9.04 -6.26 -8.70
C HIS B 97 -8.57 -6.63 -10.11
N LEU B 98 -9.13 -5.98 -11.14
CA LEU B 98 -8.64 -6.25 -12.48
C LEU B 98 -7.13 -6.05 -12.50
N PRO B 99 -6.33 -7.01 -13.03
CA PRO B 99 -4.87 -6.89 -12.99
C PRO B 99 -4.44 -5.60 -13.65
N LEU B 100 -3.54 -4.86 -12.97
CA LEU B 100 -3.12 -3.55 -13.46
C LEU B 100 -1.66 -3.59 -13.87
N LEU B 101 -1.41 -3.06 -15.07
CA LEU B 101 -0.07 -2.90 -15.62
C LEU B 101 0.30 -1.43 -15.50
N VAL B 102 1.51 -1.20 -14.99
CA VAL B 102 1.93 0.15 -14.64
C VAL B 102 3.25 0.45 -15.31
N ASP B 103 3.27 1.62 -15.93
CA ASP B 103 4.44 2.19 -16.56
C ASP B 103 5.30 2.84 -15.46
N ILE B 104 6.48 2.30 -15.19
CA ILE B 104 7.40 2.87 -14.21
C ILE B 104 8.60 3.50 -14.91
N ASP B 105 8.41 3.89 -16.17
CA ASP B 105 9.41 4.59 -16.98
C ASP B 105 10.73 3.81 -17.01
N THR B 106 11.83 4.45 -16.58
CA THR B 106 13.17 3.88 -16.52
C THR B 106 13.51 3.45 -15.09
N GLY B 107 12.54 3.54 -14.17
CA GLY B 107 12.72 3.05 -12.81
C GLY B 107 12.94 4.14 -11.76
N PHE B 108 13.07 5.41 -12.19
CA PHE B 108 13.11 6.61 -11.36
C PHE B 108 14.44 6.83 -10.63
N GLY B 109 15.43 5.95 -10.86
CA GLY B 109 16.76 6.14 -10.31
C GLY B 109 17.61 4.90 -10.51
N GLY B 110 18.67 4.77 -9.68
CA GLY B 110 19.55 3.62 -9.67
C GLY B 110 18.91 2.39 -9.00
N ALA B 111 19.75 1.38 -8.72
CA ALA B 111 19.27 0.06 -8.33
C ALA B 111 18.29 0.11 -7.15
N PHE B 112 18.58 0.91 -6.11
CA PHE B 112 17.69 0.88 -4.96
C PHE B 112 16.38 1.62 -5.19
N THR B 113 16.38 2.68 -5.99
CA THR B 113 15.12 3.29 -6.41
C THR B 113 14.26 2.27 -7.15
N ILE B 114 14.88 1.57 -8.10
CA ILE B 114 14.15 0.53 -8.83
C ILE B 114 13.59 -0.51 -7.88
N ALA B 115 14.42 -0.96 -6.91
CA ALA B 115 13.95 -1.92 -5.91
C ALA B 115 12.74 -1.36 -5.15
N ARG B 116 12.86 -0.12 -4.67
CA ARG B 116 11.76 0.52 -3.96
C ARG B 116 10.52 0.57 -4.85
N ALA B 117 10.68 0.86 -6.14
CA ALA B 117 9.54 0.94 -7.04
C ALA B 117 8.81 -0.39 -7.17
N ILE B 118 9.56 -1.48 -7.36
CA ILE B 118 8.95 -2.80 -7.45
C ILE B 118 8.21 -3.13 -6.14
N LYS B 119 8.88 -2.93 -5.01
CA LYS B 119 8.24 -3.30 -3.76
C LYS B 119 6.98 -2.48 -3.53
N GLU B 120 7.05 -1.16 -3.82
CA GLU B 120 5.90 -0.29 -3.60
C GLU B 120 4.75 -0.69 -4.53
N MET B 121 5.08 -1.02 -5.77
CA MET B 121 4.07 -1.46 -6.74
C MET B 121 3.40 -2.75 -6.26
N GLU B 122 4.19 -3.72 -5.76
CA GLU B 122 3.58 -4.92 -5.22
C GLU B 122 2.70 -4.59 -4.01
N ARG B 123 3.17 -3.70 -3.13
CA ARG B 123 2.37 -3.42 -1.95
C ARG B 123 1.09 -2.71 -2.38
N ALA B 124 1.11 -2.07 -3.56
CA ALA B 124 -0.08 -1.40 -4.08
C ALA B 124 -1.03 -2.36 -4.81
N GLN B 125 -0.75 -3.67 -4.81
CA GLN B 125 -1.59 -4.66 -5.44
C GLN B 125 -1.54 -4.57 -6.97
N VAL B 126 -0.48 -3.96 -7.54
CA VAL B 126 -0.25 -3.88 -8.96
C VAL B 126 0.18 -5.27 -9.45
N ALA B 127 -0.19 -5.63 -10.70
CA ALA B 127 0.07 -6.96 -11.24
C ALA B 127 1.34 -7.03 -12.05
N ALA B 128 1.71 -5.92 -12.71
CA ALA B 128 2.83 -5.85 -13.63
C ALA B 128 3.27 -4.40 -13.76
N VAL B 129 4.52 -4.24 -14.17
CA VAL B 129 5.08 -2.97 -14.55
C VAL B 129 5.85 -3.20 -15.86
N HIS B 130 6.04 -2.11 -16.61
CA HIS B 130 7.04 -2.11 -17.66
C HIS B 130 8.06 -1.02 -17.39
N MET B 131 9.30 -1.34 -17.75
CA MET B 131 10.44 -0.46 -17.60
C MET B 131 11.13 -0.41 -18.96
N GLN B 132 11.61 0.79 -19.32
CA GLN B 132 12.14 1.05 -20.65
CA GLN B 132 12.14 1.14 -20.64
C GLN B 132 13.67 1.22 -20.62
N ASP B 133 14.28 1.05 -21.80
CA ASP B 133 15.72 1.12 -21.99
C ASP B 133 16.13 2.49 -22.54
N GLN B 134 15.40 3.53 -22.16
CA GLN B 134 15.81 4.90 -22.47
C GLN B 134 16.88 5.36 -21.50
N VAL B 135 17.63 6.40 -21.91
CA VAL B 135 18.59 7.05 -21.03
C VAL B 135 17.82 7.91 -20.03
N ALA B 136 18.30 7.91 -18.78
CA ALA B 136 17.57 8.53 -17.69
C ALA B 136 18.33 9.72 -17.13
N GLN B 137 17.57 10.76 -16.76
CA GLN B 137 18.06 11.94 -16.06
C GLN B 137 18.89 12.80 -17.01
N LYS B 138 20.09 12.33 -17.37
CA LYS B 138 21.01 13.04 -18.25
C LYS B 138 21.54 14.28 -17.52
N ARG B 139 22.14 15.22 -18.26
CA ARG B 139 22.59 16.47 -17.66
C ARG B 139 21.39 17.37 -17.38
N CYS B 140 21.61 18.39 -16.54
CA CYS B 140 20.54 19.24 -16.05
C CYS B 140 19.79 19.87 -17.22
N GLY B 141 20.50 20.54 -18.13
CA GLY B 141 19.88 21.28 -19.21
C GLY B 141 19.78 20.51 -20.53
N HIS B 142 19.64 19.17 -20.48
CA HIS B 142 19.57 18.37 -21.69
C HIS B 142 18.23 18.57 -22.41
N ARG B 143 18.27 18.57 -23.74
CA ARG B 143 17.07 18.76 -24.55
C ARG B 143 16.24 17.47 -24.58
N PRO B 144 14.89 17.54 -24.71
CA PRO B 144 14.06 16.33 -24.75
C PRO B 144 14.44 15.47 -25.96
N GLY B 145 14.17 14.17 -25.87
CA GLY B 145 14.47 13.25 -26.96
C GLY B 145 14.22 11.79 -26.59
N LYS B 146 14.77 10.88 -27.42
CA LYS B 146 14.70 9.44 -27.18
C LYS B 146 16.05 8.81 -27.49
N GLU B 147 16.80 8.48 -26.44
CA GLU B 147 18.07 7.80 -26.59
C GLU B 147 18.05 6.53 -25.74
N LEU B 148 18.66 5.47 -26.28
CA LEU B 148 18.71 4.18 -25.62
C LEU B 148 19.94 4.10 -24.72
N VAL B 149 19.82 3.37 -23.62
CA VAL B 149 20.99 2.98 -22.85
C VAL B 149 21.59 1.74 -23.51
N ASN B 150 22.85 1.44 -23.17
CA ASN B 150 23.50 0.19 -23.58
C ASN B 150 22.67 -0.98 -23.04
N THR B 151 22.82 -2.14 -23.68
CA THR B 151 22.13 -3.35 -23.28
C THR B 151 22.49 -3.71 -21.84
N ASN B 152 23.74 -3.45 -21.46
CA ASN B 152 24.26 -3.81 -20.15
C ASN B 152 23.65 -2.94 -19.05
N GLU B 153 23.38 -1.66 -19.37
CA GLU B 153 22.77 -0.74 -18.44
C GLU B 153 21.32 -1.17 -18.17
N MET B 154 20.61 -1.64 -19.19
CA MET B 154 19.25 -2.12 -19.04
C MET B 154 19.23 -3.48 -18.34
N VAL B 155 20.28 -4.29 -18.57
CA VAL B 155 20.38 -5.55 -17.85
C VAL B 155 20.44 -5.26 -16.35
N ASP B 156 21.22 -4.23 -15.98
CA ASP B 156 21.43 -3.91 -14.58
C ASP B 156 20.09 -3.51 -13.96
N ARG B 157 19.35 -2.69 -14.71
CA ARG B 157 18.01 -2.26 -14.32
C ARG B 157 17.10 -3.47 -14.03
N ILE B 158 17.16 -4.47 -14.91
CA ILE B 158 16.29 -5.64 -14.83
C ILE B 158 16.67 -6.47 -13.60
N LYS B 159 17.98 -6.58 -13.35
CA LYS B 159 18.50 -7.37 -12.24
C LYS B 159 18.07 -6.76 -10.90
N ALA B 160 18.19 -5.43 -10.80
CA ALA B 160 17.73 -4.69 -9.62
C ALA B 160 16.27 -5.02 -9.37
N ALA B 161 15.46 -5.03 -10.44
CA ALA B 161 14.04 -5.32 -10.28
C ALA B 161 13.80 -6.77 -9.92
N VAL B 162 14.44 -7.71 -10.63
CA VAL B 162 14.17 -9.13 -10.44
C VAL B 162 14.57 -9.53 -9.02
N ASP B 163 15.62 -8.90 -8.50
CA ASP B 163 16.19 -9.22 -7.20
C ASP B 163 15.15 -9.09 -6.09
N VAL B 164 14.16 -8.19 -6.22
CA VAL B 164 13.22 -8.00 -5.14
C VAL B 164 11.82 -8.47 -5.52
N LYS B 165 11.58 -8.78 -6.79
CA LYS B 165 10.19 -9.09 -7.13
C LYS B 165 9.79 -10.46 -6.58
N SER B 166 8.49 -10.64 -6.30
CA SER B 166 7.95 -11.96 -6.06
C SER B 166 7.87 -12.71 -7.39
N ASN B 167 7.63 -14.03 -7.31
CA ASN B 167 7.63 -14.91 -8.47
C ASN B 167 6.52 -14.52 -9.42
N ASP B 168 5.30 -14.40 -8.87
CA ASP B 168 4.09 -14.10 -9.61
C ASP B 168 4.15 -12.74 -10.32
N PHE B 169 4.82 -11.74 -9.73
CA PHE B 169 4.76 -10.36 -10.23
C PHE B 169 5.48 -10.28 -11.58
N VAL B 170 4.94 -9.48 -12.50
CA VAL B 170 5.39 -9.51 -13.89
C VAL B 170 6.25 -8.30 -14.25
N LEU B 171 7.52 -8.53 -14.58
CA LEU B 171 8.34 -7.45 -15.09
C LEU B 171 8.37 -7.53 -16.61
N ILE B 172 7.98 -6.43 -17.26
CA ILE B 172 7.95 -6.34 -18.69
C ILE B 172 9.04 -5.36 -19.13
N ALA B 173 10.01 -5.84 -19.91
CA ALA B 173 11.04 -4.92 -20.40
C ALA B 173 10.55 -4.29 -21.69
N ARG B 174 10.58 -2.96 -21.75
CA ARG B 174 10.16 -2.27 -22.95
C ARG B 174 11.42 -1.84 -23.67
N THR B 175 11.48 -2.07 -24.99
CA THR B 175 12.59 -1.54 -25.76
C THR B 175 12.06 -0.62 -26.86
N ASP B 176 12.76 0.51 -27.05
CA ASP B 176 12.46 1.44 -28.13
C ASP B 176 13.54 1.33 -29.22
N ALA B 177 14.16 0.15 -29.35
CA ALA B 177 15.35 0.00 -30.19
C ALA B 177 14.99 0.03 -31.67
N TYR B 178 13.78 -0.41 -32.02
CA TYR B 178 13.40 -0.67 -33.40
C TYR B 178 13.58 0.57 -34.29
N ALA B 179 13.06 1.72 -33.86
CA ALA B 179 13.10 2.93 -34.66
C ALA B 179 14.54 3.43 -34.82
N VAL B 180 15.42 3.06 -33.89
CA VAL B 180 16.75 3.65 -33.78
C VAL B 180 17.80 2.69 -34.34
N GLU B 181 17.61 1.38 -34.14
CA GLU B 181 18.66 0.42 -34.39
C GLU B 181 18.21 -0.68 -35.36
N GLY B 182 16.91 -0.75 -35.65
CA GLY B 182 16.36 -1.71 -36.60
C GLY B 182 16.07 -3.07 -35.97
N LEU B 183 15.40 -3.94 -36.73
CA LEU B 183 14.76 -5.12 -36.15
C LEU B 183 15.78 -6.08 -35.55
N LYS B 184 16.97 -6.17 -36.16
CA LYS B 184 17.95 -7.16 -35.76
C LYS B 184 18.42 -6.86 -34.33
N ALA B 185 18.97 -5.65 -34.14
CA ALA B 185 19.52 -5.22 -32.86
C ALA B 185 18.44 -5.21 -31.78
N THR B 186 17.18 -4.95 -32.17
CA THR B 186 16.04 -4.94 -31.26
C THR B 186 15.83 -6.34 -30.69
N ILE B 187 15.85 -7.36 -31.54
CA ILE B 187 15.61 -8.74 -31.13
C ILE B 187 16.73 -9.17 -30.19
N ASP B 188 17.93 -8.63 -30.42
CA ASP B 188 19.10 -8.96 -29.63
C ASP B 188 18.93 -8.47 -28.20
N ARG B 189 18.60 -7.19 -28.03
CA ARG B 189 18.34 -6.59 -26.72
C ARG B 189 17.27 -7.41 -26.00
N ALA B 190 16.12 -7.54 -26.66
CA ALA B 190 14.96 -8.22 -26.11
C ALA B 190 15.38 -9.55 -25.49
N CYS B 191 16.19 -10.31 -26.24
CA CYS B 191 16.61 -11.63 -25.81
C CYS B 191 17.54 -11.54 -24.60
N THR B 192 18.45 -10.56 -24.61
CA THR B 192 19.33 -10.27 -23.47
C THR B 192 18.49 -9.90 -22.24
N TYR B 193 17.43 -9.10 -22.44
CA TYR B 193 16.55 -8.64 -21.36
C TYR B 193 15.82 -9.84 -20.76
N VAL B 194 15.35 -10.76 -21.61
CA VAL B 194 14.71 -11.97 -21.13
C VAL B 194 15.72 -12.75 -20.28
N GLU B 195 16.97 -12.81 -20.74
CA GLU B 195 17.94 -13.67 -20.07
C GLU B 195 18.26 -13.08 -18.69
N ALA B 196 18.22 -11.75 -18.58
CA ALA B 196 18.42 -11.01 -17.34
C ALA B 196 17.22 -11.16 -16.38
N GLY B 197 16.08 -11.62 -16.89
CA GLY B 197 15.00 -12.02 -15.99
C GLY B 197 13.65 -11.38 -16.32
N ALA B 198 13.59 -10.52 -17.35
CA ALA B 198 12.30 -9.99 -17.80
C ALA B 198 11.34 -11.12 -18.10
N ASP B 199 10.09 -10.97 -17.69
CA ASP B 199 9.09 -12.01 -17.87
C ASP B 199 8.47 -11.94 -19.26
N MET B 200 8.32 -10.71 -19.79
CA MET B 200 7.67 -10.42 -21.05
C MET B 200 8.32 -9.21 -21.68
N ILE B 201 7.84 -8.86 -22.89
CA ILE B 201 8.49 -7.88 -23.71
C ILE B 201 7.47 -6.92 -24.32
N PHE B 202 7.80 -5.63 -24.27
CA PHE B 202 7.01 -4.54 -24.81
C PHE B 202 7.79 -4.02 -26.01
N ALA B 203 7.30 -4.39 -27.21
CA ALA B 203 7.93 -4.01 -28.47
C ALA B 203 7.32 -2.70 -28.92
N GLU B 204 8.14 -1.64 -28.88
CA GLU B 204 7.61 -0.33 -29.15
C GLU B 204 7.95 0.04 -30.58
N ALA B 205 6.92 0.45 -31.32
CA ALA B 205 7.07 1.12 -32.60
C ALA B 205 7.54 0.18 -33.72
N LEU B 206 7.00 -1.05 -33.75
CA LEU B 206 7.15 -1.92 -34.92
C LEU B 206 6.13 -1.51 -35.98
N GLU B 207 6.64 -1.07 -37.14
CA GLU B 207 5.82 -0.54 -38.23
C GLU B 207 5.12 -1.66 -39.00
N ASN B 208 5.91 -2.47 -39.72
CA ASN B 208 5.39 -3.57 -40.52
C ASN B 208 5.03 -4.74 -39.61
N ILE B 209 3.80 -5.26 -39.78
CA ILE B 209 3.28 -6.38 -39.02
C ILE B 209 4.13 -7.64 -39.24
N ASN B 210 4.80 -7.73 -40.40
CA ASN B 210 5.60 -8.90 -40.72
C ASN B 210 6.94 -8.86 -39.99
N ASP B 211 7.17 -7.81 -39.21
CA ASP B 211 8.29 -7.78 -38.28
C ASP B 211 7.97 -8.63 -37.04
N TYR B 212 6.68 -8.76 -36.75
CA TYR B 212 6.21 -9.33 -35.50
C TYR B 212 6.56 -10.82 -35.39
N PRO B 213 6.25 -11.67 -36.40
CA PRO B 213 6.38 -13.14 -36.23
C PRO B 213 7.82 -13.53 -35.92
N THR B 214 8.76 -12.86 -36.60
CA THR B 214 10.19 -13.03 -36.39
C THR B 214 10.57 -12.60 -34.98
N PHE B 215 10.11 -11.39 -34.63
CA PHE B 215 10.39 -10.83 -33.31
C PHE B 215 9.87 -11.80 -32.24
N CYS B 216 8.60 -12.21 -32.37
CA CYS B 216 7.95 -12.96 -31.32
C CYS B 216 8.58 -14.35 -31.20
N LYS B 217 8.91 -14.94 -32.37
CA LYS B 217 9.44 -16.29 -32.39
C LYS B 217 10.80 -16.31 -31.69
N ALA B 218 11.62 -15.29 -31.98
CA ALA B 218 12.95 -15.16 -31.42
C ALA B 218 12.92 -14.95 -29.90
N VAL B 219 12.02 -14.08 -29.45
CA VAL B 219 11.95 -13.59 -28.08
C VAL B 219 11.31 -14.62 -27.15
N LYS B 220 10.31 -15.37 -27.66
CA LYS B 220 9.77 -16.55 -27.00
C LYS B 220 8.73 -16.18 -25.93
N VAL B 221 9.05 -15.19 -25.09
CA VAL B 221 8.16 -14.82 -24.00
C VAL B 221 7.00 -14.03 -24.59
N PRO B 222 5.85 -13.87 -23.90
CA PRO B 222 4.74 -13.08 -24.41
C PRO B 222 5.20 -11.67 -24.79
N VAL B 223 4.72 -11.19 -25.93
CA VAL B 223 5.12 -9.89 -26.44
C VAL B 223 3.90 -8.99 -26.48
N LEU B 224 4.10 -7.71 -26.18
CA LEU B 224 3.06 -6.70 -26.14
C LEU B 224 3.35 -5.74 -27.29
N ALA B 225 2.31 -5.44 -28.07
CA ALA B 225 2.38 -4.45 -29.12
C ALA B 225 1.60 -3.24 -28.63
N ASN B 226 2.18 -2.05 -28.82
CA ASN B 226 1.61 -0.80 -28.36
C ASN B 226 0.83 -0.10 -29.47
N MET B 227 -0.51 -0.17 -29.41
CA MET B 227 -1.37 0.47 -30.39
C MET B 227 -1.70 1.90 -29.93
N THR B 228 -0.80 2.84 -30.24
CA THR B 228 -1.00 4.24 -29.92
C THR B 228 -1.63 4.95 -31.10
N GLU B 229 -2.12 6.17 -30.88
CA GLU B 229 -2.64 7.03 -31.92
C GLU B 229 -1.65 8.17 -32.16
N PHE B 230 -1.72 8.77 -33.35
CA PHE B 230 -1.09 10.06 -33.65
C PHE B 230 0.44 9.99 -33.57
N GLY B 231 1.01 8.78 -33.55
CA GLY B 231 2.44 8.58 -33.54
C GLY B 231 3.00 8.32 -34.93
N LYS B 232 4.01 7.44 -34.98
CA LYS B 232 4.64 7.05 -36.23
C LYS B 232 4.51 5.54 -36.40
N THR B 233 3.44 4.97 -35.81
CA THR B 233 3.18 3.55 -35.94
C THR B 233 1.75 3.35 -36.42
N PRO B 234 1.45 2.32 -37.24
CA PRO B 234 0.11 2.12 -37.80
C PRO B 234 -0.75 1.30 -36.83
N LEU B 235 -2.04 1.18 -37.15
CA LEU B 235 -3.01 0.51 -36.30
C LEU B 235 -3.45 -0.79 -36.93
N TYR B 236 -3.09 -1.90 -36.27
CA TYR B 236 -3.61 -3.21 -36.65
C TYR B 236 -4.67 -3.64 -35.66
N THR B 237 -5.43 -4.68 -36.02
CA THR B 237 -6.48 -5.18 -35.14
C THR B 237 -5.86 -6.19 -34.17
N ALA B 238 -6.63 -6.53 -33.13
CA ALA B 238 -6.19 -7.52 -32.16
C ALA B 238 -5.87 -8.84 -32.86
N ALA B 239 -6.81 -9.29 -33.71
CA ALA B 239 -6.72 -10.56 -34.43
C ALA B 239 -5.46 -10.59 -35.29
N GLN B 240 -5.20 -9.52 -36.06
CA GLN B 240 -4.06 -9.46 -36.94
C GLN B 240 -2.80 -9.64 -36.10
N LEU B 241 -2.70 -8.88 -35.00
CA LEU B 241 -1.52 -8.88 -34.15
C LEU B 241 -1.29 -10.26 -33.54
N ALA B 242 -2.36 -10.91 -33.08
CA ALA B 242 -2.28 -12.26 -32.51
C ALA B 242 -1.80 -13.28 -33.54
N ASP B 243 -2.37 -13.26 -34.76
CA ASP B 243 -1.97 -14.15 -35.85
C ASP B 243 -0.50 -13.98 -36.20
N HIS B 244 0.09 -12.86 -35.78
CA HIS B 244 1.48 -12.56 -36.09
C HIS B 244 2.37 -12.77 -34.85
N GLY B 245 1.78 -13.40 -33.82
CA GLY B 245 2.51 -13.95 -32.67
C GLY B 245 2.46 -13.08 -31.42
N VAL B 246 1.61 -12.03 -31.43
CA VAL B 246 1.55 -11.06 -30.34
C VAL B 246 0.56 -11.57 -29.29
N LYS B 247 0.90 -11.40 -28.00
CA LYS B 247 0.10 -11.95 -26.91
C LYS B 247 -0.67 -10.87 -26.15
N MET B 248 -0.18 -9.62 -26.13
CA MET B 248 -0.89 -8.52 -25.51
C MET B 248 -0.97 -7.35 -26.47
N VAL B 249 -2.10 -6.63 -26.46
CA VAL B 249 -2.20 -5.40 -27.22
C VAL B 249 -2.63 -4.27 -26.28
N LEU B 250 -1.86 -3.17 -26.28
CA LEU B 250 -2.06 -2.09 -25.33
C LEU B 250 -2.73 -0.94 -26.05
N TYR B 251 -3.73 -0.34 -25.37
CA TYR B 251 -4.40 0.88 -25.80
C TYR B 251 -4.17 1.97 -24.77
N PRO B 252 -3.01 2.66 -24.85
CA PRO B 252 -2.48 3.37 -23.67
C PRO B 252 -3.20 4.67 -23.32
N ARG B 253 -3.61 5.46 -24.32
CA ARG B 253 -4.19 6.77 -24.12
C ARG B 253 -5.54 6.93 -24.84
N SER B 254 -6.05 5.83 -25.38
CA SER B 254 -7.17 5.92 -26.32
C SER B 254 -8.34 6.64 -25.69
N ALA B 255 -8.75 6.15 -24.50
CA ALA B 255 -9.91 6.69 -23.81
C ALA B 255 -9.72 8.14 -23.35
N ASP B 256 -8.52 8.46 -22.90
CA ASP B 256 -8.28 9.79 -22.37
C ASP B 256 -8.23 10.87 -23.47
N ARG B 257 -7.87 10.51 -24.70
CA ARG B 257 -7.93 11.49 -25.79
C ARG B 257 -9.38 11.87 -26.08
N ALA B 258 -10.30 10.90 -25.94
CA ALA B 258 -11.72 11.15 -26.19
C ALA B 258 -12.30 11.92 -25.02
N MET B 259 -11.84 11.62 -23.79
CA MET B 259 -12.35 12.35 -22.63
C MET B 259 -11.98 13.82 -22.78
N SER B 260 -10.74 14.10 -23.21
CA SER B 260 -10.29 15.48 -23.37
C SER B 260 -11.13 16.27 -24.39
N LYS B 261 -11.34 15.70 -25.59
CA LYS B 261 -12.18 16.34 -26.60
C LYS B 261 -13.57 16.61 -26.02
N ALA B 262 -14.12 15.62 -25.29
CA ALA B 262 -15.46 15.78 -24.77
C ALA B 262 -15.50 16.86 -23.70
N ALA B 263 -14.46 16.94 -22.86
CA ALA B 263 -14.49 17.98 -21.83
C ALA B 263 -14.37 19.35 -22.51
N LEU B 264 -13.43 19.46 -23.46
CA LEU B 264 -13.26 20.70 -24.18
C LEU B 264 -14.59 21.16 -24.82
N ALA B 265 -15.37 20.22 -25.37
CA ALA B 265 -16.60 20.55 -26.07
C ALA B 265 -17.62 21.14 -25.11
N VAL B 266 -17.70 20.56 -23.91
CA VAL B 266 -18.61 21.04 -22.88
C VAL B 266 -18.18 22.44 -22.44
N TYR B 267 -16.89 22.62 -22.19
CA TYR B 267 -16.41 23.94 -21.80
C TYR B 267 -16.81 25.00 -22.84
N GLU B 268 -16.60 24.72 -24.13
CA GLU B 268 -16.85 25.66 -25.22
C GLU B 268 -18.35 25.95 -25.31
N ASP B 269 -19.17 24.91 -25.18
CA ASP B 269 -20.62 25.07 -25.16
C ASP B 269 -21.05 26.02 -24.03
N ILE B 270 -20.58 25.77 -22.81
CA ILE B 270 -21.04 26.55 -21.66
C ILE B 270 -20.63 28.01 -21.87
N LYS B 271 -19.42 28.22 -22.41
CA LYS B 271 -18.87 29.55 -22.62
C LYS B 271 -19.72 30.25 -23.70
N LYS B 272 -19.90 29.57 -24.84
CA LYS B 272 -20.53 30.15 -26.02
C LYS B 272 -22.03 30.36 -25.82
N HIS B 273 -22.70 29.46 -25.08
CA HIS B 273 -24.15 29.48 -25.00
C HIS B 273 -24.68 29.89 -23.62
N GLY B 274 -23.78 30.10 -22.65
CA GLY B 274 -24.18 30.55 -21.32
C GLY B 274 -24.93 29.46 -20.55
N VAL B 275 -24.87 28.21 -21.02
CA VAL B 275 -25.63 27.09 -20.46
C VAL B 275 -25.21 25.82 -21.19
N GLN B 276 -25.45 24.64 -20.59
CA GLN B 276 -24.83 23.40 -21.06
C GLN B 276 -25.83 22.49 -21.79
N THR B 277 -27.04 23.02 -22.04
CA THR B 277 -28.16 22.32 -22.68
C THR B 277 -27.72 21.49 -23.88
N ALA B 278 -26.91 22.07 -24.77
CA ALA B 278 -26.54 21.39 -26.00
C ALA B 278 -25.65 20.18 -25.70
N SER B 279 -25.05 20.18 -24.50
CA SER B 279 -24.13 19.12 -24.12
C SER B 279 -24.88 17.91 -23.53
N LEU B 280 -26.09 18.12 -23.00
CA LEU B 280 -26.80 17.07 -22.27
C LEU B 280 -26.83 15.73 -23.00
N PRO B 281 -27.09 15.66 -24.34
CA PRO B 281 -27.12 14.38 -25.04
C PRO B 281 -25.79 13.63 -25.02
N PHE B 282 -24.67 14.35 -24.78
CA PHE B 282 -23.34 13.74 -24.82
C PHE B 282 -22.82 13.35 -23.44
N MET B 283 -23.69 13.39 -22.44
CA MET B 283 -23.29 13.10 -21.06
C MET B 283 -23.85 11.75 -20.61
N GLN B 284 -23.04 10.99 -19.86
CA GLN B 284 -23.48 9.78 -19.21
C GLN B 284 -24.63 10.16 -18.28
N THR B 285 -25.71 9.35 -18.28
CA THR B 285 -26.86 9.62 -17.42
C THR B 285 -26.49 9.30 -15.96
N ARG B 286 -27.18 9.97 -15.03
CA ARG B 286 -27.12 9.65 -13.61
C ARG B 286 -27.21 8.15 -13.37
N GLU B 287 -28.06 7.46 -14.12
CA GLU B 287 -28.40 6.07 -13.84
C GLU B 287 -27.26 5.16 -14.27
N ALA B 288 -26.62 5.48 -15.39
CA ALA B 288 -25.45 4.75 -15.80
C ALA B 288 -24.31 4.97 -14.79
N LEU B 289 -24.24 6.18 -14.23
CA LEU B 289 -23.21 6.53 -13.25
C LEU B 289 -23.44 5.69 -12.01
N TYR B 290 -24.66 5.74 -11.45
CA TYR B 290 -24.99 4.98 -10.25
C TYR B 290 -24.70 3.51 -10.50
N GLU B 291 -24.87 3.06 -11.73
CA GLU B 291 -24.65 1.65 -12.02
C GLU B 291 -23.17 1.31 -12.02
N VAL B 292 -22.34 2.16 -12.64
CA VAL B 292 -20.93 1.83 -12.75
C VAL B 292 -20.32 1.86 -11.34
N LEU B 293 -20.82 2.79 -10.50
CA LEU B 293 -20.40 2.92 -9.12
C LEU B 293 -20.94 1.79 -8.27
N ASN B 294 -21.88 1.01 -8.82
CA ASN B 294 -22.50 -0.11 -8.13
C ASN B 294 -23.18 0.37 -6.86
N TYR B 295 -23.90 1.47 -6.98
CA TYR B 295 -24.45 2.22 -5.87
C TYR B 295 -25.41 1.39 -5.03
N HIS B 296 -26.12 0.45 -5.68
CA HIS B 296 -27.18 -0.28 -5.02
C HIS B 296 -26.61 -1.24 -3.97
N ALA B 297 -25.41 -1.77 -4.26
CA ALA B 297 -24.69 -2.65 -3.37
C ALA B 297 -24.38 -1.95 -2.05
N TYR B 298 -24.29 -0.61 -2.09
CA TYR B 298 -24.08 0.16 -0.87
C TYR B 298 -25.34 0.14 -0.02
N GLU B 299 -26.49 0.43 -0.64
CA GLU B 299 -27.74 0.42 0.11
C GLU B 299 -28.09 -0.98 0.62
N ASP B 300 -27.83 -1.99 -0.20
CA ASP B 300 -28.08 -3.39 0.06
C ASP B 300 -27.18 -3.89 1.20
N LYS B 301 -25.92 -3.42 1.22
CA LYS B 301 -25.00 -3.80 2.29
C LYS B 301 -25.51 -3.24 3.62
N LEU B 302 -26.02 -2.02 3.58
CA LEU B 302 -26.47 -1.44 4.83
C LEU B 302 -27.74 -2.12 5.36
N ASN B 303 -28.57 -2.61 4.43
CA ASN B 303 -29.80 -3.28 4.82
C ASN B 303 -29.47 -4.68 5.32
N GLN B 304 -28.49 -5.34 4.70
CA GLN B 304 -28.00 -6.63 5.13
C GLN B 304 -27.49 -6.56 6.57
N LEU B 305 -26.79 -5.49 6.95
CA LEU B 305 -26.05 -5.57 8.22
C LEU B 305 -26.78 -4.84 9.35
N PHE B 306 -27.60 -3.82 9.06
CA PHE B 306 -28.07 -2.96 10.14
C PHE B 306 -29.60 -2.94 10.30
N LYS B 307 -30.09 -1.80 10.82
CA LYS B 307 -31.47 -1.51 11.21
C LYS B 307 -32.44 -2.56 10.65
C1 EDO C . -2.79 16.01 23.95
O1 EDO C . -2.41 15.06 23.06
C2 EDO C . -2.47 15.23 25.03
O2 EDO C . -3.44 14.20 25.10
C1 EDO D . -3.37 7.03 21.62
O1 EDO D . -2.70 5.74 21.82
C2 EDO D . -4.76 6.81 22.06
O2 EDO D . -5.45 8.00 22.07
C1 EDO E . 5.39 13.32 20.73
O1 EDO E . 4.59 14.32 20.17
C2 EDO E . 5.59 13.62 22.15
O2 EDO E . 6.51 12.77 22.76
CL CL F . 14.84 16.43 34.88
C1 EDO G . -2.83 -7.41 0.80
O1 EDO G . -1.82 -8.32 0.42
C2 EDO G . -4.22 -7.94 0.74
O2 EDO G . -5.24 -6.98 0.48
C1 EDO H . 5.24 7.16 -22.20
O1 EDO H . 3.91 6.98 -21.76
C2 EDO H . 6.26 6.70 -21.22
O2 EDO H . 6.74 5.40 -21.50
C1 EDO I . 2.44 5.72 -25.97
O1 EDO I . 1.41 6.68 -26.18
C2 EDO I . 2.24 4.89 -24.75
O2 EDO I . 3.37 4.15 -24.28
C1 EDO J . 2.09 -8.84 -0.59
O1 EDO J . 1.12 -7.98 -1.16
C2 EDO J . 3.38 -8.13 -0.42
O2 EDO J . 3.58 -7.17 -1.43
C1 EDO K . -20.12 -1.50 -0.62
O1 EDO K . -20.49 -1.77 -1.96
C2 EDO K . -20.47 -2.63 0.25
O2 EDO K . -20.39 -3.86 -0.46
CL CL L . 3.51 15.27 -24.17
#